data_4LS3
#
_entry.id   4LS3
#
_cell.length_a   71.420
_cell.length_b   60.650
_cell.length_c   77.130
_cell.angle_alpha   90.00
_cell.angle_beta   91.02
_cell.angle_gamma   90.00
#
_symmetry.space_group_name_H-M   'P 1 2 1'
#
loop_
_entity.id
_entity.type
_entity.pdbx_description
1 polymer 'Nickel (III) ABC transporter, periplasmic iron-bindin gprotein'
2 non-polymer HISTIDINE
3 non-polymer 'NICKEL (II) ION'
4 water water
#
_entity_poly.entity_id   1
_entity_poly.type   'polypeptide(L)'
_entity_poly.pdbx_seq_one_letter_code
;QEVKVKDYFGEQTIKLPVSKIIYLGSFAEVPAMFHTWDRVVGISDYAFKSDIVKATLKDPERIKPMSSDHVAALNVELLK
KLSPDLVVTFVGNPKAVEHAKKFGISFLSFQEKTIAEVMEDIDTQAKALEVDASKKLAKMQETLDFIAERLKGVKKKKGV
ELFHKANKISGHQALDSDILEKGGIDNFGLKYVKFGRADISVEKIVKENPEIIFIWWISPLSPEDVLNNPKFATIKAIKN
KQVYKLPTMDIGGPRAPLISLFIALKAHPEAFKGVDINAIVKDYYKVVFDLNDAEVEPFLWKGELNSKLEGKPIPNPLLG
LDSTRTGHHHHHH
;
_entity_poly.pdbx_strand_id   A,B
#
loop_
_chem_comp.id
_chem_comp.type
_chem_comp.name
_chem_comp.formula
NI non-polymer 'NICKEL (II) ION' 'Ni 2'
#
# COMPACT_ATOMS: atom_id res chain seq x y z
N GLN A 1 13.39 13.63 17.21
CA GLN A 1 13.06 13.63 15.80
C GLN A 1 12.68 12.22 15.39
N GLU A 2 11.64 12.09 14.57
CA GLU A 2 11.15 10.77 14.21
C GLU A 2 10.46 10.78 12.85
N VAL A 3 10.21 9.59 12.33
CA VAL A 3 9.46 9.44 11.09
C VAL A 3 8.59 8.21 11.22
N LYS A 4 7.35 8.32 10.74
CA LYS A 4 6.43 7.21 10.80
C LYS A 4 6.39 6.54 9.45
N VAL A 5 6.50 5.21 9.48
CA VAL A 5 6.48 4.41 8.27
C VAL A 5 5.63 3.18 8.55
N LYS A 6 5.38 2.39 7.52
CA LYS A 6 4.59 1.17 7.69
C LYS A 6 5.42 -0.05 7.30
N ASP A 7 5.28 -1.13 8.05
CA ASP A 7 5.95 -2.38 7.68
C ASP A 7 4.99 -3.56 7.80
N TYR A 8 5.53 -4.78 7.88
CA TYR A 8 4.73 -6.01 8.00
C TYR A 8 3.75 -5.98 9.17
N PHE A 9 4.12 -5.29 10.24
CA PHE A 9 3.32 -5.30 11.47
C PHE A 9 2.47 -4.03 11.64
N GLY A 10 2.50 -3.15 10.65
CA GLY A 10 1.71 -1.93 10.71
C GLY A 10 2.56 -0.69 10.84
N GLU A 11 2.03 0.33 11.49
CA GLU A 11 2.74 1.58 11.66
C GLU A 11 3.91 1.41 12.62
N GLN A 12 5.06 1.96 12.24
CA GLN A 12 6.22 2.00 13.10
C GLN A 12 6.71 3.43 13.20
N THR A 13 7.21 3.82 14.37
CA THR A 13 7.81 5.13 14.51
C THR A 13 9.31 4.94 14.70
N ILE A 14 10.09 5.49 13.78
CA ILE A 14 11.54 5.34 13.80
C ILE A 14 12.19 6.62 14.33
N LYS A 15 13.01 6.48 15.37
CA LYS A 15 13.67 7.64 15.96
C LYS A 15 14.88 8.00 15.09
N LEU A 16 15.07 9.30 14.85
CA LEU A 16 16.13 9.78 13.95
C LEU A 16 17.15 10.62 14.70
N PRO A 17 18.42 10.64 14.23
CA PRO A 17 18.92 9.87 13.09
C PRO A 17 19.31 8.45 13.50
N VAL A 18 19.43 7.56 12.51
CA VAL A 18 19.88 6.20 12.76
C VAL A 18 21.40 6.12 12.66
N SER A 19 22.04 5.58 13.69
CA SER A 19 23.50 5.46 13.72
C SER A 19 23.97 4.04 13.47
N LYS A 20 23.23 3.06 13.98
CA LYS A 20 23.63 1.67 13.87
C LYS A 20 22.48 0.80 13.40
N ILE A 21 22.73 0.04 12.34
CA ILE A 21 21.66 -0.78 11.79
C ILE A 21 22.13 -2.22 11.57
N ILE A 22 21.21 -3.16 11.74
CA ILE A 22 21.44 -4.57 11.40
C ILE A 22 20.48 -5.02 10.32
N TYR A 23 20.99 -5.80 9.37
CA TYR A 23 20.18 -6.41 8.32
C TYR A 23 20.12 -7.91 8.55
N LEU A 24 18.93 -8.41 8.89
CA LEU A 24 18.70 -9.83 9.11
C LEU A 24 17.80 -10.44 8.06
N GLY A 25 18.35 -11.33 7.25
CA GLY A 25 17.52 -12.14 6.36
C GLY A 25 17.23 -11.60 4.97
N SER A 26 17.36 -10.29 4.76
CA SER A 26 17.10 -9.72 3.45
C SER A 26 17.65 -8.30 3.36
N PHE A 27 17.53 -7.69 2.17
CA PHE A 27 17.92 -6.31 1.95
C PHE A 27 19.40 -5.98 2.17
N ALA A 28 20.24 -6.99 2.01
CA ALA A 28 21.67 -6.86 2.28
C ALA A 28 22.38 -5.96 1.28
N GLU A 29 21.74 -5.70 0.14
CA GLU A 29 22.36 -4.85 -0.87
C GLU A 29 21.89 -3.39 -0.76
N VAL A 30 20.96 -3.14 0.14
CA VAL A 30 20.49 -1.78 0.37
C VAL A 30 21.59 -0.79 0.81
N PRO A 31 22.47 -1.20 1.75
CA PRO A 31 23.56 -0.28 2.12
C PRO A 31 24.47 0.03 0.95
N ALA A 32 24.55 -0.86 -0.02
CA ALA A 32 25.34 -0.60 -1.22
C ALA A 32 24.71 0.48 -2.10
N MET A 33 23.38 0.47 -2.23
CA MET A 33 22.75 1.46 -3.10
C MET A 33 22.74 2.83 -2.45
N PHE A 34 22.69 2.87 -1.12
CA PHE A 34 22.60 4.12 -0.38
C PHE A 34 23.93 4.67 0.16
N HIS A 35 25.00 3.89 0.03
CA HIS A 35 26.31 4.22 0.58
C HIS A 35 26.25 4.40 2.08
N THR A 36 25.59 3.47 2.74
CA THR A 36 25.43 3.53 4.19
C THR A 36 26.12 2.36 4.90
N TRP A 37 27.15 1.79 4.27
CA TRP A 37 27.84 0.68 4.93
C TRP A 37 28.39 1.05 6.30
N ASP A 38 28.76 2.31 6.49
CA ASP A 38 29.33 2.73 7.77
C ASP A 38 28.33 2.65 8.91
N ARG A 39 27.04 2.61 8.57
CA ARG A 39 26.00 2.59 9.59
C ARG A 39 25.67 1.13 9.97
N VAL A 40 26.14 0.17 9.18
CA VAL A 40 25.80 -1.23 9.40
C VAL A 40 26.75 -1.89 10.41
N VAL A 41 26.19 -2.51 11.45
CA VAL A 41 27.03 -3.19 12.45
C VAL A 41 26.89 -4.71 12.43
N GLY A 42 25.86 -5.21 11.77
CA GLY A 42 25.67 -6.65 11.61
C GLY A 42 24.85 -6.96 10.37
N ILE A 43 25.15 -8.09 9.74
CA ILE A 43 24.44 -8.52 8.53
C ILE A 43 24.42 -10.05 8.45
N SER A 44 23.30 -10.61 7.97
CA SER A 44 23.22 -12.07 7.76
C SER A 44 24.37 -12.52 6.88
N ASP A 45 24.98 -13.65 7.24
CA ASP A 45 26.24 -14.05 6.62
C ASP A 45 26.15 -14.39 5.13
N TYR A 46 24.95 -14.67 4.61
CA TYR A 46 24.79 -14.89 3.18
C TYR A 46 25.24 -13.66 2.40
N ALA A 47 25.16 -12.49 3.01
CA ALA A 47 25.37 -11.24 2.27
C ALA A 47 26.79 -11.14 1.72
N PHE A 48 27.73 -11.74 2.43
CA PHE A 48 29.14 -11.63 2.03
C PHE A 48 29.43 -12.36 0.72
N LYS A 49 28.46 -13.16 0.25
CA LYS A 49 28.60 -13.85 -1.03
C LYS A 49 28.04 -13.04 -2.21
N SER A 50 27.29 -11.98 -1.94
CA SER A 50 26.81 -11.09 -3.00
C SER A 50 27.96 -10.33 -3.63
N ASP A 51 28.01 -10.25 -4.96
CA ASP A 51 29.15 -9.57 -5.57
C ASP A 51 29.13 -8.04 -5.41
N ILE A 52 27.94 -7.44 -5.31
CA ILE A 52 27.88 -6.01 -5.06
C ILE A 52 28.25 -5.70 -3.61
N VAL A 53 27.93 -6.60 -2.68
CA VAL A 53 28.39 -6.43 -1.30
C VAL A 53 29.91 -6.54 -1.23
N LYS A 54 30.47 -7.59 -1.81
CA LYS A 54 31.92 -7.76 -1.82
C LYS A 54 32.65 -6.54 -2.40
N ALA A 55 32.10 -5.97 -3.46
CA ALA A 55 32.78 -4.86 -4.13
C ALA A 55 32.65 -3.51 -3.40
N THR A 56 31.51 -3.26 -2.74
CA THR A 56 31.24 -1.93 -2.20
C THR A 56 31.51 -1.78 -0.70
N LEU A 57 31.51 -2.89 0.03
CA LEU A 57 31.81 -2.88 1.46
C LEU A 57 33.33 -2.92 1.66
N LYS A 58 33.91 -1.79 2.09
CA LYS A 58 35.37 -1.71 2.11
C LYS A 58 35.98 -2.42 3.32
N ASP A 59 35.22 -2.46 4.42
CA ASP A 59 35.72 -3.08 5.65
C ASP A 59 34.78 -4.13 6.22
N PRO A 60 34.63 -5.25 5.50
CA PRO A 60 33.71 -6.31 5.94
C PRO A 60 34.07 -6.85 7.31
N GLU A 61 35.35 -6.76 7.69
CA GLU A 61 35.80 -7.27 8.98
C GLU A 61 35.12 -6.54 10.16
N ARG A 62 34.62 -5.34 9.92
CA ARG A 62 33.97 -4.55 10.97
C ARG A 62 32.57 -5.08 11.32
N ILE A 63 31.92 -5.70 10.35
CA ILE A 63 30.51 -6.06 10.48
C ILE A 63 30.33 -7.50 10.97
N LYS A 64 29.53 -7.65 12.03
CA LYS A 64 29.30 -8.96 12.61
C LYS A 64 28.43 -9.82 11.71
N PRO A 65 28.90 -11.02 11.35
CA PRO A 65 28.06 -11.93 10.57
C PRO A 65 26.95 -12.51 11.42
N MET A 66 25.71 -12.47 10.92
CA MET A 66 24.54 -12.93 11.66
C MET A 66 23.95 -14.17 11.01
N SER A 67 22.99 -14.79 11.69
CA SER A 67 22.30 -15.96 11.14
C SER A 67 21.56 -15.61 9.84
N SER A 68 21.51 -16.56 8.90
CA SER A 68 20.71 -16.42 7.70
C SER A 68 19.45 -17.32 7.75
N ASP A 69 19.23 -17.93 8.91
CA ASP A 69 18.06 -18.77 9.19
C ASP A 69 16.87 -17.89 9.53
N HIS A 70 15.74 -18.06 8.84
CA HIS A 70 14.55 -17.24 9.12
C HIS A 70 13.63 -17.87 10.18
N VAL A 71 13.76 -19.17 10.40
CA VAL A 71 12.80 -19.91 11.23
C VAL A 71 13.16 -20.01 12.71
N ALA A 72 14.45 -20.17 13.01
CA ALA A 72 14.88 -20.32 14.39
C ALA A 72 14.70 -19.01 15.15
N ALA A 73 14.76 -19.07 16.47
CA ALA A 73 14.58 -17.86 17.27
C ALA A 73 15.70 -16.87 16.97
N LEU A 74 15.38 -15.58 16.98
CA LEU A 74 16.41 -14.59 16.73
C LEU A 74 17.36 -14.52 17.91
N ASN A 75 18.62 -14.20 17.62
CA ASN A 75 19.66 -14.14 18.65
C ASN A 75 19.58 -12.78 19.37
N VAL A 76 18.61 -12.67 20.28
CA VAL A 76 18.37 -11.42 21.01
C VAL A 76 19.58 -10.96 21.83
N GLU A 77 20.36 -11.90 22.37
CA GLU A 77 21.54 -11.50 23.13
C GLU A 77 22.65 -10.89 22.27
N LEU A 78 22.82 -11.40 21.05
CA LEU A 78 23.76 -10.77 20.14
C LEU A 78 23.25 -9.41 19.66
N LEU A 79 21.95 -9.34 19.35
CA LEU A 79 21.32 -8.07 18.99
C LEU A 79 21.59 -7.01 20.05
N LYS A 80 21.39 -7.34 21.31
CA LYS A 80 21.60 -6.37 22.39
C LYS A 80 23.07 -5.95 22.52
N LYS A 81 23.98 -6.88 22.27
CA LYS A 81 25.41 -6.58 22.36
C LYS A 81 25.90 -5.61 21.28
N LEU A 82 25.28 -5.67 20.10
CA LEU A 82 25.69 -4.80 18.99
C LEU A 82 25.00 -3.43 19.09
N SER A 83 24.00 -3.34 19.96
CA SER A 83 23.32 -2.08 20.25
C SER A 83 22.82 -1.35 19.02
N PRO A 84 22.09 -2.03 18.13
CA PRO A 84 21.61 -1.28 16.97
C PRO A 84 20.49 -0.33 17.37
N ASP A 85 20.33 0.75 16.60
CA ASP A 85 19.14 1.58 16.72
C ASP A 85 17.99 0.96 15.98
N LEU A 86 18.30 0.16 14.96
CA LEU A 86 17.31 -0.38 14.05
C LEU A 86 17.75 -1.73 13.51
N VAL A 87 16.83 -2.69 13.49
CA VAL A 87 17.07 -3.96 12.81
C VAL A 87 16.08 -4.11 11.66
N VAL A 88 16.59 -4.27 10.44
CA VAL A 88 15.74 -4.54 9.29
C VAL A 88 15.72 -6.06 9.14
N THR A 89 14.53 -6.65 9.13
CA THR A 89 14.44 -8.12 9.12
C THR A 89 13.40 -8.67 8.17
N PHE A 90 13.71 -9.84 7.59
CA PHE A 90 12.76 -10.60 6.80
C PHE A 90 11.91 -11.45 7.75
N VAL A 91 10.59 -11.35 7.61
CA VAL A 91 9.69 -12.12 8.47
C VAL A 91 9.38 -13.48 7.87
N GLY A 92 10.16 -14.48 8.25
CA GLY A 92 9.89 -15.87 7.90
C GLY A 92 9.22 -16.59 9.05
N ASN A 93 9.25 -15.96 10.22
CA ASN A 93 8.58 -16.43 11.42
C ASN A 93 8.01 -15.26 12.22
N PRO A 94 6.74 -14.87 11.94
CA PRO A 94 6.09 -13.73 12.58
C PRO A 94 6.19 -13.77 14.11
N LYS A 95 5.91 -14.94 14.69
CA LYS A 95 5.92 -15.07 16.15
C LYS A 95 7.32 -14.87 16.74
N ALA A 96 8.33 -15.37 16.04
CA ALA A 96 9.70 -15.22 16.54
C ALA A 96 10.19 -13.78 16.43
N VAL A 97 9.75 -13.07 15.38
CA VAL A 97 10.09 -11.66 15.24
C VAL A 97 9.35 -10.83 16.29
N GLU A 98 8.08 -11.14 16.52
CA GLU A 98 7.30 -10.47 17.55
C GLU A 98 7.97 -10.67 18.91
N HIS A 99 8.44 -11.90 19.15
CA HIS A 99 9.12 -12.23 20.40
C HIS A 99 10.37 -11.39 20.55
N ALA A 100 11.14 -11.30 19.46
CA ALA A 100 12.35 -10.50 19.40
C ALA A 100 12.09 -9.02 19.68
N LYS A 101 10.96 -8.51 19.19
CA LYS A 101 10.65 -7.09 19.30
C LYS A 101 10.33 -6.67 20.74
N LYS A 102 10.30 -7.64 21.65
CA LYS A 102 9.99 -7.40 23.04
C LYS A 102 11.25 -7.19 23.88
N PHE A 103 12.27 -6.56 23.31
CA PHE A 103 13.52 -6.39 24.05
C PHE A 103 14.19 -5.02 23.91
N GLY A 104 13.43 -4.01 23.47
CA GLY A 104 13.91 -2.64 23.54
C GLY A 104 14.53 -2.06 22.28
N ILE A 105 14.65 -2.89 21.24
CA ILE A 105 15.25 -2.45 19.98
C ILE A 105 14.22 -2.34 18.87
N SER A 106 14.30 -1.27 18.09
CA SER A 106 13.40 -1.05 16.96
C SER A 106 13.63 -2.03 15.81
N PHE A 107 12.53 -2.60 15.31
CA PHE A 107 12.57 -3.44 14.12
C PHE A 107 11.80 -2.82 12.97
N LEU A 108 12.35 -2.93 11.77
CA LEU A 108 11.60 -2.66 10.55
C LEU A 108 11.49 -4.00 9.86
N SER A 109 10.27 -4.54 9.79
CA SER A 109 10.07 -5.94 9.41
C SER A 109 9.35 -6.06 8.09
N PHE A 110 9.90 -6.84 7.17
CA PHE A 110 9.30 -6.97 5.84
C PHE A 110 9.14 -8.42 5.43
N GLN A 111 8.18 -8.67 4.54
CA GLN A 111 8.09 -9.97 3.88
C GLN A 111 7.75 -9.70 2.42
N GLU A 112 8.75 -9.23 1.69
CA GLU A 112 8.54 -8.82 0.31
C GLU A 112 8.12 -9.99 -0.59
N LYS A 113 7.03 -9.79 -1.34
CA LYS A 113 6.48 -10.88 -2.15
C LYS A 113 6.55 -10.60 -3.65
N THR A 114 6.79 -9.35 -4.01
CA THR A 114 6.90 -8.97 -5.41
C THR A 114 7.98 -7.90 -5.56
N ILE A 115 8.48 -7.71 -6.78
CA ILE A 115 9.49 -6.67 -6.98
C ILE A 115 8.90 -5.29 -6.69
N ALA A 116 7.62 -5.11 -7.00
CA ALA A 116 6.94 -3.86 -6.64
C ALA A 116 7.03 -3.61 -5.14
N GLU A 117 6.82 -4.66 -4.35
CA GLU A 117 6.88 -4.55 -2.89
C GLU A 117 8.30 -4.30 -2.41
N VAL A 118 9.29 -4.96 -3.06
CA VAL A 118 10.69 -4.69 -2.75
C VAL A 118 10.97 -3.19 -2.85
N MET A 119 10.49 -2.56 -3.91
CA MET A 119 10.79 -1.15 -4.11
C MET A 119 10.10 -0.28 -3.06
N GLU A 120 8.88 -0.64 -2.68
CA GLU A 120 8.19 0.06 -1.60
C GLU A 120 8.96 -0.06 -0.29
N ASP A 121 9.46 -1.26 0.01
CA ASP A 121 10.20 -1.50 1.23
C ASP A 121 11.57 -0.80 1.22
N ILE A 122 12.19 -0.68 0.04
CA ILE A 122 13.42 0.09 -0.07
C ILE A 122 13.13 1.56 0.24
N ASP A 123 12.04 2.08 -0.29
CA ASP A 123 11.69 3.48 -0.03
C ASP A 123 11.43 3.73 1.46
N THR A 124 10.83 2.75 2.13
CA THR A 124 10.60 2.84 3.57
C THR A 124 11.91 2.91 4.34
N GLN A 125 12.87 2.07 3.95
CA GLN A 125 14.19 2.12 4.55
C GLN A 125 14.88 3.45 4.28
N ALA A 126 14.69 4.01 3.09
CA ALA A 126 15.31 5.29 2.74
C ALA A 126 14.81 6.40 3.66
N LYS A 127 13.54 6.31 4.07
CA LYS A 127 13.00 7.27 5.04
C LYS A 127 13.72 7.16 6.39
N ALA A 128 13.97 5.94 6.83
CA ALA A 128 14.65 5.74 8.11
C ALA A 128 16.11 6.19 8.03
N LEU A 129 16.73 6.04 6.87
CA LEU A 129 18.14 6.39 6.72
C LEU A 129 18.31 7.83 6.22
N GLU A 130 17.19 8.52 6.03
CA GLU A 130 17.20 9.90 5.56
C GLU A 130 17.96 10.09 4.25
N VAL A 131 17.74 9.18 3.31
CA VAL A 131 18.30 9.28 1.98
C VAL A 131 17.19 9.44 0.94
N ASP A 132 17.52 10.08 -0.19
CA ASP A 132 16.59 10.24 -1.29
C ASP A 132 16.85 9.14 -2.32
N ALA A 133 15.91 8.22 -2.45
CA ALA A 133 16.08 7.04 -3.26
C ALA A 133 15.38 7.15 -4.60
N SER A 134 14.75 8.29 -4.86
CA SER A 134 13.84 8.42 -5.99
C SER A 134 14.47 8.07 -7.35
N LYS A 135 15.64 8.62 -7.68
CA LYS A 135 16.27 8.30 -8.96
C LYS A 135 16.63 6.82 -9.12
N LYS A 136 17.04 6.20 -8.03
CA LYS A 136 17.44 4.80 -8.06
C LYS A 136 16.23 3.89 -8.18
N LEU A 137 15.15 4.25 -7.49
CA LEU A 137 13.93 3.45 -7.60
C LEU A 137 13.36 3.59 -9.01
N ALA A 138 13.51 4.77 -9.61
CA ALA A 138 13.01 5.00 -10.95
C ALA A 138 13.77 4.18 -11.98
N LYS A 139 15.07 4.00 -11.76
CA LYS A 139 15.86 3.16 -12.64
C LYS A 139 15.40 1.71 -12.54
N MET A 140 15.12 1.26 -11.32
CA MET A 140 14.55 -0.07 -11.14
C MET A 140 13.25 -0.22 -11.93
N GLN A 141 12.35 0.74 -11.80
CA GLN A 141 11.08 0.65 -12.52
C GLN A 141 11.28 0.75 -14.04
N GLU A 142 12.17 1.63 -14.49
CA GLU A 142 12.43 1.74 -15.94
C GLU A 142 12.87 0.39 -16.50
N THR A 143 13.68 -0.33 -15.74
CA THR A 143 14.18 -1.62 -16.16
C THR A 143 13.07 -2.66 -16.21
N LEU A 144 12.19 -2.65 -15.21
CA LEU A 144 11.03 -3.54 -15.24
C LEU A 144 10.13 -3.24 -16.44
N ASP A 145 9.91 -1.96 -16.71
CA ASP A 145 9.08 -1.55 -17.84
C ASP A 145 9.69 -2.05 -19.14
N PHE A 146 11.02 -1.97 -19.23
CA PHE A 146 11.73 -2.42 -20.42
C PHE A 146 11.58 -3.93 -20.64
N ILE A 147 11.75 -4.71 -19.58
CA ILE A 147 11.60 -6.15 -19.73
C ILE A 147 10.19 -6.47 -20.20
N ALA A 148 9.21 -5.84 -19.58
CA ALA A 148 7.80 -6.15 -19.88
C ALA A 148 7.51 -5.82 -21.33
N GLU A 149 8.09 -4.71 -21.80
CA GLU A 149 7.87 -4.31 -23.17
C GLU A 149 8.45 -5.34 -24.16
N ARG A 150 9.66 -5.83 -23.89
CA ARG A 150 10.26 -6.87 -24.76
C ARG A 150 9.47 -8.18 -24.73
N LEU A 151 8.85 -8.49 -23.58
CA LEU A 151 8.12 -9.76 -23.45
C LEU A 151 6.66 -9.69 -23.87
N LYS A 152 6.22 -8.51 -24.27
CA LYS A 152 4.84 -8.33 -24.71
C LYS A 152 4.50 -9.27 -25.85
N GLY A 153 3.43 -10.05 -25.66
CA GLY A 153 2.99 -10.98 -26.67
C GLY A 153 3.84 -12.24 -26.82
N VAL A 154 4.87 -12.38 -25.99
CA VAL A 154 5.69 -13.58 -26.02
C VAL A 154 5.10 -14.64 -25.09
N LYS A 155 4.95 -15.87 -25.60
CA LYS A 155 4.36 -16.95 -24.80
C LYS A 155 5.33 -17.35 -23.71
N LYS A 156 4.84 -17.41 -22.47
CA LYS A 156 5.71 -17.76 -21.35
C LYS A 156 6.20 -19.18 -21.50
N LYS A 157 7.39 -19.44 -20.98
CA LYS A 157 8.00 -20.75 -21.06
C LYS A 157 7.70 -21.43 -19.73
N LYS A 158 7.31 -22.70 -19.76
CA LYS A 158 7.04 -23.42 -18.52
C LYS A 158 8.35 -23.70 -17.81
N GLY A 159 8.43 -23.29 -16.55
CA GLY A 159 9.66 -23.48 -15.80
C GLY A 159 9.40 -23.55 -14.31
N VAL A 160 10.49 -23.57 -13.54
CA VAL A 160 10.42 -23.67 -12.09
C VAL A 160 11.79 -23.31 -11.54
N GLU A 161 11.85 -22.95 -10.26
CA GLU A 161 13.13 -22.71 -9.59
C GLU A 161 13.32 -23.73 -8.49
N LEU A 162 14.56 -24.22 -8.35
CA LEU A 162 14.92 -25.14 -7.28
C LEU A 162 15.70 -24.42 -6.18
N PHE A 163 15.52 -24.88 -4.95
CA PHE A 163 16.14 -24.17 -3.83
C PHE A 163 17.22 -25.00 -3.16
N HIS A 164 17.20 -25.20 -1.85
CA HIS A 164 18.37 -25.84 -1.26
C HIS A 164 18.50 -27.30 -1.66
N LYS A 165 17.36 -27.91 -2.02
CA LYS A 165 17.37 -29.25 -2.60
C LYS A 165 16.53 -29.29 -3.88
N ALA A 166 16.68 -30.39 -4.63
CA ALA A 166 16.20 -30.42 -6.01
C ALA A 166 14.70 -30.59 -6.19
N ASN A 167 13.97 -30.81 -5.08
CA ASN A 167 12.52 -30.85 -5.11
C ASN A 167 11.84 -29.80 -4.23
N LYS A 168 12.57 -28.74 -3.88
CA LYS A 168 11.96 -27.59 -3.21
C LYS A 168 11.81 -26.48 -4.22
N ILE A 169 10.57 -26.01 -4.41
CA ILE A 169 10.27 -25.02 -5.44
C ILE A 169 9.50 -23.84 -4.84
N SER A 170 9.16 -22.83 -5.66
CA SER A 170 8.41 -21.68 -5.13
C SER A 170 7.00 -21.58 -5.70
N GLY A 171 6.07 -21.10 -4.87
CA GLY A 171 4.68 -20.92 -5.30
C GLY A 171 4.10 -19.55 -5.05
N HIS A 172 2.87 -19.51 -4.54
CA HIS A 172 2.20 -18.24 -4.29
C HIS A 172 2.91 -17.48 -3.19
N GLN A 173 2.86 -16.14 -3.26
CA GLN A 173 3.40 -15.31 -2.17
C GLN A 173 4.87 -15.63 -1.95
N ALA A 174 5.63 -15.70 -3.03
CA ALA A 174 7.07 -15.94 -2.95
C ALA A 174 7.70 -14.94 -3.91
N LEU A 175 8.62 -14.13 -3.41
CA LEU A 175 9.29 -13.16 -4.28
C LEU A 175 9.97 -13.86 -5.45
N ASP A 176 10.50 -15.07 -5.24
CA ASP A 176 11.14 -15.80 -6.35
C ASP A 176 10.13 -15.98 -7.49
N SER A 177 8.88 -16.25 -7.14
CA SER A 177 7.85 -16.49 -8.15
C SER A 177 7.54 -15.26 -8.94
N ASP A 178 7.50 -14.10 -8.27
CA ASP A 178 7.30 -12.86 -9.00
C ASP A 178 8.45 -12.59 -9.94
N ILE A 179 9.67 -12.85 -9.46
CA ILE A 179 10.86 -12.64 -10.27
C ILE A 179 10.83 -13.54 -11.51
N LEU A 180 10.40 -14.80 -11.33
CA LEU A 180 10.24 -15.70 -12.46
C LEU A 180 9.19 -15.19 -13.44
N GLU A 181 8.06 -14.75 -12.92
CA GLU A 181 6.96 -14.28 -13.76
C GLU A 181 7.41 -13.08 -14.60
N LYS A 182 8.14 -12.16 -13.99
CA LYS A 182 8.58 -10.98 -14.72
C LYS A 182 9.68 -11.32 -15.71
N GLY A 183 10.28 -12.49 -15.54
CA GLY A 183 11.28 -12.99 -16.48
C GLY A 183 10.65 -13.81 -17.60
N GLY A 184 9.32 -13.90 -17.64
CA GLY A 184 8.67 -14.61 -18.73
C GLY A 184 8.49 -16.11 -18.52
N ILE A 185 8.52 -16.52 -17.27
CA ILE A 185 8.38 -17.94 -16.92
C ILE A 185 6.99 -18.23 -16.38
N ASP A 186 6.35 -19.28 -16.91
CA ASP A 186 5.15 -19.86 -16.31
C ASP A 186 5.60 -20.87 -15.26
N ASN A 187 5.63 -20.42 -14.01
CA ASN A 187 6.16 -21.21 -12.91
C ASN A 187 5.15 -22.23 -12.43
N PHE A 188 5.37 -23.50 -12.75
CA PHE A 188 4.39 -24.52 -12.35
C PHE A 188 4.28 -24.71 -10.84
N GLY A 189 5.25 -24.18 -10.10
CA GLY A 189 5.17 -24.20 -8.65
C GLY A 189 3.90 -23.58 -8.11
N LEU A 190 3.29 -22.66 -8.85
CA LEU A 190 2.05 -22.04 -8.39
C LEU A 190 0.94 -23.07 -8.23
N LYS A 191 1.02 -24.14 -8.99
CA LYS A 191 -0.01 -25.18 -8.95
C LYS A 191 0.10 -26.08 -7.74
N TYR A 192 1.25 -26.04 -7.07
CA TYR A 192 1.53 -27.02 -6.02
C TYR A 192 1.81 -26.44 -4.67
N VAL A 193 2.33 -25.22 -4.64
CA VAL A 193 2.84 -24.62 -3.42
C VAL A 193 2.03 -23.38 -3.07
N LYS A 194 1.32 -23.43 -1.94
CA LYS A 194 0.37 -22.38 -1.59
C LYS A 194 0.99 -21.13 -0.95
N PHE A 195 2.20 -21.25 -0.44
CA PHE A 195 2.88 -20.10 0.16
C PHE A 195 4.38 -20.31 0.15
N GLY A 196 5.10 -19.29 -0.28
CA GLY A 196 6.56 -19.30 -0.20
C GLY A 196 7.23 -20.40 -1.02
N ARG A 197 8.12 -21.13 -0.37
CA ARG A 197 8.84 -22.24 -0.99
C ARG A 197 8.49 -23.52 -0.25
N ALA A 198 8.30 -24.61 -0.99
CA ALA A 198 7.97 -25.88 -0.34
C ALA A 198 8.31 -27.05 -1.24
N ASP A 199 8.26 -28.25 -0.67
CA ASP A 199 8.61 -29.46 -1.42
C ASP A 199 7.51 -29.96 -2.36
N ILE A 200 7.93 -30.70 -3.36
CA ILE A 200 7.01 -31.37 -4.27
C ILE A 200 7.65 -32.71 -4.60
N SER A 201 6.85 -33.72 -4.93
CA SER A 201 7.43 -35.01 -5.31
C SER A 201 8.14 -34.89 -6.64
N VAL A 202 9.27 -35.58 -6.77
CA VAL A 202 10.00 -35.59 -8.04
C VAL A 202 9.11 -36.05 -9.21
N GLU A 203 8.20 -36.99 -8.95
CA GLU A 203 7.34 -37.48 -10.03
C GLU A 203 6.44 -36.38 -10.60
N LYS A 204 6.05 -35.42 -9.77
CA LYS A 204 5.26 -34.28 -10.28
C LYS A 204 6.12 -33.33 -11.11
N ILE A 205 7.39 -33.17 -10.73
CA ILE A 205 8.31 -32.34 -11.52
C ILE A 205 8.49 -32.95 -12.91
N VAL A 206 8.67 -34.27 -12.93
CA VAL A 206 8.84 -35.01 -14.18
C VAL A 206 7.59 -34.90 -15.04
N LYS A 207 6.41 -35.05 -14.43
CA LYS A 207 5.16 -34.91 -15.17
C LYS A 207 4.95 -33.51 -15.72
N GLU A 208 5.26 -32.50 -14.93
CA GLU A 208 5.14 -31.12 -15.40
C GLU A 208 6.11 -30.83 -16.55
N ASN A 209 7.27 -31.48 -16.51
CA ASN A 209 8.22 -31.45 -17.64
C ASN A 209 8.62 -30.03 -18.05
N PRO A 210 9.21 -29.26 -17.12
CA PRO A 210 9.56 -27.87 -17.44
C PRO A 210 10.55 -27.75 -18.59
N GLU A 211 10.42 -26.68 -19.37
CA GLU A 211 11.32 -26.39 -20.49
C GLU A 211 12.62 -25.77 -20.00
N ILE A 212 12.58 -25.12 -18.84
CA ILE A 212 13.73 -24.43 -18.31
C ILE A 212 13.67 -24.53 -16.79
N ILE A 213 14.83 -24.62 -16.15
CA ILE A 213 14.91 -24.70 -14.70
C ILE A 213 15.97 -23.73 -14.20
N PHE A 214 15.62 -22.94 -13.17
CA PHE A 214 16.56 -22.04 -12.53
C PHE A 214 16.88 -22.54 -11.13
N ILE A 215 18.04 -22.18 -10.64
CA ILE A 215 18.50 -22.59 -9.32
C ILE A 215 18.82 -21.34 -8.50
N TRP A 216 18.23 -21.25 -7.32
CA TRP A 216 18.47 -20.20 -6.33
C TRP A 216 19.95 -19.98 -6.10
N TRP A 217 20.39 -18.72 -6.08
CA TRP A 217 21.84 -18.44 -6.02
C TRP A 217 22.50 -18.96 -4.75
N ILE A 218 21.71 -19.12 -3.69
CA ILE A 218 22.23 -19.59 -2.38
C ILE A 218 22.22 -21.13 -2.28
N SER A 219 21.60 -21.80 -3.25
CA SER A 219 21.53 -23.26 -3.24
C SER A 219 22.90 -23.91 -3.37
N PRO A 220 23.11 -25.05 -2.69
CA PRO A 220 24.33 -25.82 -2.91
C PRO A 220 24.33 -26.53 -4.26
N LEU A 221 23.18 -26.61 -4.92
CA LEU A 221 23.08 -27.28 -6.22
C LEU A 221 23.79 -26.50 -7.31
N SER A 222 24.58 -27.21 -8.12
CA SER A 222 25.10 -26.66 -9.35
C SER A 222 24.17 -27.10 -10.47
N PRO A 223 24.27 -26.45 -11.64
CA PRO A 223 23.47 -26.94 -12.76
C PRO A 223 23.79 -28.39 -13.10
N GLU A 224 25.03 -28.78 -12.88
CA GLU A 224 25.42 -30.17 -13.14
C GLU A 224 24.76 -31.16 -12.19
N ASP A 225 24.55 -30.77 -10.92
CA ASP A 225 23.87 -31.61 -9.94
C ASP A 225 22.46 -31.97 -10.41
N VAL A 226 21.86 -31.04 -11.13
CA VAL A 226 20.50 -31.20 -11.65
C VAL A 226 20.54 -31.95 -12.98
N LEU A 227 21.41 -31.51 -13.88
CA LEU A 227 21.58 -32.14 -15.19
C LEU A 227 21.91 -33.63 -15.12
N ASN A 228 22.69 -34.01 -14.12
CA ASN A 228 23.13 -35.38 -13.97
C ASN A 228 22.30 -36.21 -13.00
N ASN A 229 21.23 -35.63 -12.46
CA ASN A 229 20.35 -36.39 -11.57
C ASN A 229 19.54 -37.38 -12.38
N PRO A 230 19.74 -38.69 -12.13
CA PRO A 230 19.04 -39.71 -12.92
C PRO A 230 17.54 -39.54 -12.87
N LYS A 231 17.02 -39.01 -11.76
CA LYS A 231 15.59 -38.80 -11.63
C LYS A 231 15.02 -37.81 -12.66
N PHE A 232 15.87 -36.97 -13.23
CA PHE A 232 15.44 -35.87 -14.09
C PHE A 232 15.76 -36.10 -15.56
N ALA A 233 16.23 -37.30 -15.90
CA ALA A 233 16.75 -37.57 -17.24
C ALA A 233 15.73 -37.40 -18.38
N THR A 234 14.44 -37.51 -18.08
CA THR A 234 13.43 -37.36 -19.13
C THR A 234 12.85 -35.95 -19.26
N ILE A 235 13.36 -35.02 -18.45
CA ILE A 235 12.79 -33.68 -18.45
C ILE A 235 13.41 -32.81 -19.55
N LYS A 236 12.56 -32.07 -20.26
CA LYS A 236 12.99 -31.20 -21.36
C LYS A 236 14.15 -30.27 -20.98
N ALA A 237 14.04 -29.60 -19.84
CA ALA A 237 15.09 -28.68 -19.42
C ALA A 237 16.44 -29.39 -19.32
N ILE A 238 16.42 -30.64 -18.89
CA ILE A 238 17.66 -31.41 -18.76
C ILE A 238 18.19 -31.82 -20.15
N LYS A 239 17.31 -32.38 -20.97
CA LYS A 239 17.68 -32.85 -22.30
C LYS A 239 18.21 -31.73 -23.17
N ASN A 240 17.64 -30.54 -23.02
CA ASN A 240 18.02 -29.39 -23.82
C ASN A 240 19.03 -28.49 -23.14
N LYS A 241 19.54 -28.93 -21.99
CA LYS A 241 20.54 -28.18 -21.25
C LYS A 241 20.08 -26.76 -20.91
N GLN A 242 18.83 -26.63 -20.49
CA GLN A 242 18.30 -25.35 -20.08
C GLN A 242 18.15 -25.32 -18.56
N VAL A 243 19.25 -25.54 -17.86
CA VAL A 243 19.31 -25.40 -16.42
C VAL A 243 20.34 -24.34 -16.06
N TYR A 244 19.90 -23.30 -15.36
CA TYR A 244 20.76 -22.15 -15.07
C TYR A 244 20.77 -21.78 -13.61
N LYS A 245 21.96 -21.54 -13.07
CA LYS A 245 22.06 -20.96 -11.73
C LYS A 245 21.90 -19.44 -11.82
N LEU A 246 21.02 -18.89 -10.98
CA LEU A 246 20.79 -17.45 -10.97
C LEU A 246 22.01 -16.72 -10.44
N PRO A 247 22.20 -15.46 -10.86
CA PRO A 247 23.41 -14.73 -10.47
C PRO A 247 23.46 -14.40 -8.96
N THR A 248 24.63 -13.94 -8.51
CA THR A 248 24.88 -13.68 -7.08
C THR A 248 24.24 -12.38 -6.63
N MET A 249 22.92 -12.29 -6.80
CA MET A 249 22.17 -11.07 -6.53
C MET A 249 21.09 -11.38 -5.51
N ASP A 250 21.08 -10.65 -4.40
CA ASP A 250 20.09 -10.83 -3.37
C ASP A 250 18.71 -10.51 -3.94
N ILE A 251 17.73 -11.39 -3.76
CA ILE A 251 16.42 -11.17 -4.38
C ILE A 251 15.67 -9.98 -3.79
N GLY A 252 15.71 -9.82 -2.48
CA GLY A 252 15.02 -8.72 -1.85
C GLY A 252 15.93 -7.50 -1.81
N GLY A 253 16.06 -6.82 -2.94
CA GLY A 253 17.01 -5.73 -3.02
C GLY A 253 17.02 -5.04 -4.37
N PRO A 254 17.92 -4.05 -4.51
CA PRO A 254 17.98 -3.17 -5.69
C PRO A 254 18.30 -3.87 -7.01
N ARG A 255 18.70 -5.14 -6.97
CA ARG A 255 19.01 -5.84 -8.21
C ARG A 255 17.95 -6.85 -8.65
N ALA A 256 16.81 -6.89 -7.95
CA ALA A 256 15.75 -7.82 -8.36
C ALA A 256 15.36 -7.71 -9.85
N PRO A 257 15.26 -6.47 -10.39
CA PRO A 257 14.94 -6.37 -11.82
C PRO A 257 15.99 -6.99 -12.74
N LEU A 258 17.27 -6.96 -12.34
CA LEU A 258 18.31 -7.60 -13.13
C LEU A 258 18.21 -9.13 -13.11
N ILE A 259 17.68 -9.69 -12.02
CA ILE A 259 17.46 -11.13 -11.98
C ILE A 259 16.38 -11.50 -12.97
N SER A 260 15.31 -10.72 -13.02
CA SER A 260 14.28 -10.96 -14.02
C SER A 260 14.80 -10.75 -15.45
N LEU A 261 15.67 -9.77 -15.64
CA LEU A 261 16.29 -9.61 -16.96
C LEU A 261 17.12 -10.85 -17.33
N PHE A 262 17.89 -11.35 -16.37
CA PHE A 262 18.72 -12.54 -16.57
C PHE A 262 17.87 -13.73 -17.02
N ILE A 263 16.77 -13.95 -16.31
CA ILE A 263 15.85 -15.04 -16.61
C ILE A 263 15.22 -14.87 -17.98
N ALA A 264 14.78 -13.65 -18.28
CA ALA A 264 14.16 -13.35 -19.58
C ALA A 264 15.12 -13.60 -20.73
N LEU A 265 16.38 -13.20 -20.54
CA LEU A 265 17.40 -13.37 -21.57
C LEU A 265 17.72 -14.85 -21.80
N LYS A 266 17.68 -15.65 -20.72
CA LYS A 266 17.86 -17.10 -20.86
C LYS A 266 16.66 -17.75 -21.52
N ALA A 267 15.47 -17.32 -21.12
CA ALA A 267 14.24 -18.00 -21.55
C ALA A 267 13.80 -17.58 -22.96
N HIS A 268 14.03 -16.31 -23.29
CA HIS A 268 13.52 -15.72 -24.51
C HIS A 268 14.58 -14.90 -25.25
N PRO A 269 15.71 -15.53 -25.62
CA PRO A 269 16.79 -14.74 -26.23
C PRO A 269 16.35 -13.98 -27.50
N GLU A 270 15.42 -14.54 -28.26
CA GLU A 270 14.92 -13.87 -29.46
C GLU A 270 14.20 -12.54 -29.16
N ALA A 271 13.65 -12.42 -27.96
CA ALA A 271 12.95 -11.20 -27.57
C ALA A 271 13.89 -10.01 -27.34
N PHE A 272 15.19 -10.26 -27.30
CA PHE A 272 16.16 -9.23 -26.95
C PHE A 272 17.16 -8.93 -28.07
N LYS A 273 16.69 -9.02 -29.31
CA LYS A 273 17.58 -8.99 -30.47
C LYS A 273 18.32 -7.68 -30.77
N GLY A 274 17.59 -6.59 -30.92
CA GLY A 274 18.25 -5.32 -31.21
C GLY A 274 18.50 -4.55 -29.94
N VAL A 275 18.79 -5.28 -28.88
CA VAL A 275 18.98 -4.71 -27.56
C VAL A 275 20.45 -4.78 -27.17
N ASP A 276 21.01 -3.64 -26.77
CA ASP A 276 22.37 -3.61 -26.26
C ASP A 276 22.30 -3.89 -24.76
N ILE A 277 22.35 -5.17 -24.41
CA ILE A 277 22.15 -5.58 -23.03
C ILE A 277 23.18 -4.96 -22.08
N ASN A 278 24.45 -4.99 -22.48
CA ASN A 278 25.48 -4.44 -21.60
C ASN A 278 25.43 -2.92 -21.40
N ALA A 279 24.85 -2.19 -22.35
CA ALA A 279 24.62 -0.76 -22.15
C ALA A 279 23.59 -0.59 -21.03
N ILE A 280 22.56 -1.43 -21.05
CA ILE A 280 21.51 -1.37 -20.05
C ILE A 280 22.06 -1.78 -18.69
N VAL A 281 22.83 -2.85 -18.65
CA VAL A 281 23.43 -3.31 -17.38
C VAL A 281 24.40 -2.25 -16.85
N LYS A 282 25.22 -1.70 -17.75
CA LYS A 282 26.15 -0.64 -17.35
C LYS A 282 25.45 0.53 -16.68
N ASP A 283 24.42 1.06 -17.33
CA ASP A 283 23.74 2.21 -16.77
C ASP A 283 22.98 1.86 -15.51
N TYR A 284 22.56 0.60 -15.37
CA TYR A 284 21.85 0.20 -14.15
C TYR A 284 22.80 0.32 -12.96
N TYR A 285 24.01 -0.22 -13.11
CA TYR A 285 24.97 -0.17 -12.01
C TYR A 285 25.44 1.24 -11.73
N LYS A 286 25.63 2.04 -12.77
CA LYS A 286 26.07 3.42 -12.55
C LYS A 286 25.03 4.21 -11.78
N VAL A 287 23.76 4.06 -12.14
CA VAL A 287 22.73 4.84 -11.47
C VAL A 287 22.37 4.32 -10.08
N VAL A 288 22.19 3.02 -9.98
CA VAL A 288 21.73 2.43 -8.73
C VAL A 288 22.83 2.38 -7.67
N PHE A 289 24.06 2.16 -8.09
CA PHE A 289 25.16 2.04 -7.12
C PHE A 289 26.27 3.10 -7.25
N ASP A 290 26.10 4.04 -8.19
CA ASP A 290 27.10 5.10 -8.40
C ASP A 290 28.50 4.58 -8.71
N LEU A 291 28.57 3.42 -9.36
CA LEU A 291 29.85 2.87 -9.82
C LEU A 291 30.41 3.66 -11.00
N ASN A 292 31.73 3.77 -11.07
CA ASN A 292 32.36 4.36 -12.26
C ASN A 292 32.64 3.28 -13.30
N ASP A 293 33.17 3.67 -14.45
CA ASP A 293 33.31 2.72 -15.56
C ASP A 293 34.18 1.52 -15.21
N ALA A 294 35.27 1.75 -14.48
CA ALA A 294 36.16 0.64 -14.16
C ALA A 294 35.49 -0.30 -13.17
N GLU A 295 34.76 0.29 -12.23
CA GLU A 295 34.05 -0.48 -11.22
C GLU A 295 32.91 -1.31 -11.82
N VAL A 296 32.30 -0.81 -12.88
CA VAL A 296 31.19 -1.50 -13.54
C VAL A 296 31.66 -2.75 -14.28
N GLU A 297 32.89 -2.74 -14.79
CA GLU A 297 33.35 -3.82 -15.67
C GLU A 297 33.07 -5.26 -15.23
N PRO A 298 33.44 -5.64 -13.99
CA PRO A 298 33.19 -7.04 -13.61
C PRO A 298 31.71 -7.38 -13.41
N PHE A 299 30.83 -6.40 -13.51
CA PHE A 299 29.40 -6.64 -13.36
C PHE A 299 28.73 -6.75 -14.73
N LEU A 300 29.48 -6.49 -15.79
CA LEU A 300 28.91 -6.61 -17.12
C LEU A 300 28.73 -8.08 -17.45
N TRP A 301 27.79 -8.39 -18.35
CA TRP A 301 27.43 -9.77 -18.61
C TRP A 301 28.29 -10.40 -19.71
N LYS A 302 28.85 -11.57 -19.40
CA LYS A 302 29.83 -12.28 -20.24
C LYS A 302 31.12 -11.46 -20.40
N GLN B 1 -24.49 -11.17 -18.56
CA GLN B 1 -25.08 -10.96 -17.25
C GLN B 1 -24.94 -9.49 -16.86
N GLU B 2 -25.99 -8.91 -16.30
CA GLU B 2 -25.96 -7.49 -15.99
C GLU B 2 -26.88 -7.12 -14.83
N VAL B 3 -26.74 -5.90 -14.34
CA VAL B 3 -27.64 -5.38 -13.33
C VAL B 3 -27.88 -3.90 -13.56
N LYS B 4 -29.13 -3.48 -13.39
CA LYS B 4 -29.49 -2.08 -13.59
C LYS B 4 -29.56 -1.36 -12.27
N VAL B 5 -28.92 -0.20 -12.21
CA VAL B 5 -28.90 0.60 -11.00
C VAL B 5 -29.11 2.06 -11.39
N LYS B 6 -29.29 2.94 -10.41
CA LYS B 6 -29.43 4.35 -10.72
C LYS B 6 -28.28 5.13 -10.10
N ASP B 7 -27.73 6.08 -10.83
CA ASP B 7 -26.70 6.95 -10.27
C ASP B 7 -26.99 8.42 -10.59
N TYR B 8 -25.96 9.26 -10.47
CA TYR B 8 -26.09 10.70 -10.68
C TYR B 8 -26.70 11.02 -12.04
N PHE B 9 -26.43 10.19 -13.02
CA PHE B 9 -26.84 10.47 -14.38
C PHE B 9 -28.09 9.68 -14.81
N GLY B 10 -28.66 8.93 -13.89
CA GLY B 10 -29.86 8.18 -14.18
C GLY B 10 -29.59 6.69 -14.18
N GLU B 11 -30.37 5.95 -14.97
CA GLU B 11 -30.20 4.50 -15.02
C GLU B 11 -28.89 4.11 -15.70
N GLN B 12 -28.19 3.17 -15.08
CA GLN B 12 -26.98 2.59 -15.65
C GLN B 12 -27.14 1.08 -15.68
N THR B 13 -26.60 0.45 -16.71
CA THR B 13 -26.56 -1.00 -16.79
C THR B 13 -25.12 -1.44 -16.64
N ILE B 14 -24.86 -2.21 -15.59
CA ILE B 14 -23.50 -2.67 -15.30
C ILE B 14 -23.31 -4.12 -15.72
N LYS B 15 -22.31 -4.39 -16.55
CA LYS B 15 -22.08 -5.78 -16.97
C LYS B 15 -21.33 -6.57 -15.90
N LEU B 16 -21.75 -7.82 -15.67
CA LEU B 16 -21.20 -8.63 -14.58
C LEU B 16 -20.47 -9.85 -15.11
N PRO B 17 -19.46 -10.34 -14.37
CA PRO B 17 -18.95 -9.78 -13.12
C PRO B 17 -17.98 -8.63 -13.38
N VAL B 18 -17.73 -7.85 -12.34
CA VAL B 18 -16.74 -6.78 -12.42
C VAL B 18 -15.38 -7.33 -11.99
N SER B 19 -14.36 -7.12 -12.80
CA SER B 19 -13.01 -7.63 -12.50
C SER B 19 -12.06 -6.54 -12.05
N LYS B 20 -12.16 -5.37 -12.67
CA LYS B 20 -11.24 -4.28 -12.41
C LYS B 20 -12.01 -2.99 -12.16
N ILE B 21 -11.74 -2.33 -11.04
CA ILE B 21 -12.49 -1.12 -10.71
C ILE B 21 -11.54 0.00 -10.30
N ILE B 22 -11.92 1.24 -10.61
CA ILE B 22 -11.19 2.43 -10.17
C ILE B 22 -12.10 3.29 -9.30
N TYR B 23 -11.53 3.83 -8.22
CA TYR B 23 -12.25 4.75 -7.35
C TYR B 23 -11.63 6.14 -7.49
N LEU B 24 -12.40 7.06 -8.08
CA LEU B 24 -11.95 8.43 -8.29
C LEU B 24 -12.76 9.41 -7.46
N GLY B 25 -12.11 10.03 -6.49
CA GLY B 25 -12.72 11.14 -5.77
C GLY B 25 -13.51 10.80 -4.52
N SER B 26 -13.96 9.56 -4.37
CA SER B 26 -14.72 9.20 -3.16
C SER B 26 -14.82 7.69 -3.01
N PHE B 27 -15.46 7.27 -1.93
CA PHE B 27 -15.77 5.86 -1.67
C PHE B 27 -14.55 4.97 -1.56
N ALA B 28 -13.42 5.55 -1.18
CA ALA B 28 -12.15 4.83 -1.13
C ALA B 28 -12.13 3.76 -0.05
N GLU B 29 -13.04 3.83 0.91
CA GLU B 29 -13.06 2.84 1.98
C GLU B 29 -14.06 1.72 1.71
N VAL B 30 -14.79 1.84 0.61
CA VAL B 30 -15.72 0.78 0.23
C VAL B 30 -15.04 -0.59 -0.02
N PRO B 31 -13.89 -0.61 -0.72
CA PRO B 31 -13.21 -1.91 -0.89
C PRO B 31 -12.81 -2.55 0.44
N ALA B 32 -12.56 -1.72 1.45
CA ALA B 32 -12.26 -2.23 2.79
C ALA B 32 -13.48 -2.88 3.43
N MET B 33 -14.66 -2.30 3.24
CA MET B 33 -15.81 -2.90 3.87
C MET B 33 -16.26 -4.17 3.14
N PHE B 34 -16.02 -4.23 1.83
CA PHE B 34 -16.46 -5.38 1.03
C PHE B 34 -15.37 -6.45 0.84
N HIS B 35 -14.14 -6.15 1.25
CA HIS B 35 -12.99 -7.04 1.02
C HIS B 35 -12.76 -7.27 -0.47
N THR B 36 -12.81 -6.18 -1.24
CA THR B 36 -12.65 -6.23 -2.68
C THR B 36 -11.40 -5.48 -3.14
N TRP B 37 -10.40 -5.35 -2.29
CA TRP B 37 -9.18 -4.65 -2.71
C TRP B 37 -8.52 -5.25 -3.95
N ASP B 38 -8.65 -6.57 -4.11
CA ASP B 38 -8.00 -7.24 -5.23
C ASP B 38 -8.61 -6.84 -6.57
N ARG B 39 -9.81 -6.28 -6.53
CA ARG B 39 -10.49 -5.88 -7.76
C ARG B 39 -10.13 -4.43 -8.13
N VAL B 40 -9.52 -3.71 -7.18
CA VAL B 40 -9.19 -2.29 -7.41
C VAL B 40 -7.85 -2.14 -8.13
N VAL B 41 -7.85 -1.41 -9.26
CA VAL B 41 -6.60 -1.17 -9.99
C VAL B 41 -6.12 0.27 -9.95
N GLY B 42 -6.97 1.19 -9.51
CA GLY B 42 -6.58 2.58 -9.35
C GLY B 42 -7.44 3.27 -8.30
N ILE B 43 -6.84 4.21 -7.57
CA ILE B 43 -7.56 4.95 -6.54
C ILE B 43 -6.97 6.35 -6.38
N SER B 44 -7.85 7.32 -6.13
CA SER B 44 -7.39 8.69 -5.85
C SER B 44 -6.38 8.66 -4.72
N ASP B 45 -5.30 9.44 -4.88
CA ASP B 45 -4.17 9.31 -3.98
C ASP B 45 -4.43 9.71 -2.53
N TYR B 46 -5.49 10.48 -2.27
CA TYR B 46 -5.84 10.82 -0.88
C TYR B 46 -6.11 9.56 -0.06
N ALA B 47 -6.56 8.51 -0.74
CA ALA B 47 -7.06 7.30 -0.07
C ALA B 47 -5.99 6.66 0.76
N PHE B 48 -4.74 6.78 0.32
CA PHE B 48 -3.65 6.09 1.01
C PHE B 48 -3.38 6.68 2.40
N LYS B 49 -3.97 7.83 2.69
CA LYS B 49 -3.84 8.42 4.02
C LYS B 49 -4.92 7.99 5.02
N SER B 50 -5.97 7.33 4.52
CA SER B 50 -7.01 6.79 5.38
C SER B 50 -6.45 5.65 6.24
N ASP B 51 -6.72 5.64 7.54
CA ASP B 51 -6.15 4.58 8.36
C ASP B 51 -6.77 3.20 8.13
N ILE B 52 -8.04 3.15 7.71
CA ILE B 52 -8.64 1.85 7.39
C ILE B 52 -8.13 1.32 6.04
N VAL B 53 -7.79 2.21 5.11
CA VAL B 53 -7.14 1.82 3.86
C VAL B 53 -5.76 1.25 4.16
N LYS B 54 -4.97 1.97 4.95
CA LYS B 54 -3.65 1.45 5.36
C LYS B 54 -3.73 0.08 6.02
N ALA B 55 -4.74 -0.13 6.85
CA ALA B 55 -4.83 -1.39 7.60
C ALA B 55 -5.31 -2.58 6.78
N THR B 56 -6.18 -2.33 5.80
CA THR B 56 -6.84 -3.42 5.10
C THR B 56 -6.28 -3.72 3.70
N LEU B 57 -5.67 -2.73 3.08
CA LEU B 57 -5.04 -2.91 1.76
C LEU B 57 -3.63 -3.45 1.95
N LYS B 58 -3.45 -4.74 1.65
CA LYS B 58 -2.19 -5.42 1.94
C LYS B 58 -1.09 -5.15 0.93
N ASP B 59 -1.48 -4.86 -0.31
CA ASP B 59 -0.52 -4.58 -1.40
C ASP B 59 -0.80 -3.25 -2.10
N PRO B 60 -0.62 -2.13 -1.39
CA PRO B 60 -0.93 -0.83 -1.96
C PRO B 60 -0.10 -0.50 -3.20
N GLU B 61 1.08 -1.09 -3.30
CA GLU B 61 1.98 -0.81 -4.43
C GLU B 61 1.35 -1.26 -5.74
N ARG B 62 0.42 -2.19 -5.66
CA ARG B 62 -0.22 -2.72 -6.86
C ARG B 62 -1.17 -1.68 -7.48
N ILE B 63 -1.73 -0.83 -6.64
CA ILE B 63 -2.78 0.08 -7.10
C ILE B 63 -2.24 1.44 -7.52
N LYS B 64 -2.61 1.86 -8.73
CA LYS B 64 -2.15 3.14 -9.29
C LYS B 64 -2.79 4.34 -8.60
N PRO B 65 -1.96 5.26 -8.10
CA PRO B 65 -2.50 6.48 -7.50
C PRO B 65 -3.06 7.41 -8.56
N MET B 66 -4.29 7.89 -8.34
CA MET B 66 -4.97 8.74 -9.31
C MET B 66 -5.13 10.14 -8.75
N SER B 67 -5.57 11.06 -9.59
CA SER B 67 -5.82 12.44 -9.16
C SER B 67 -6.92 12.48 -8.10
N SER B 68 -6.77 13.40 -7.15
CA SER B 68 -7.83 13.65 -6.17
C SER B 68 -8.54 14.97 -6.44
N ASP B 69 -8.24 15.58 -7.58
CA ASP B 69 -8.88 16.81 -8.07
C ASP B 69 -10.21 16.48 -8.75
N HIS B 70 -11.30 17.11 -8.29
CA HIS B 70 -12.64 16.86 -8.85
C HIS B 70 -12.97 17.73 -10.04
N VAL B 71 -12.20 18.80 -10.21
CA VAL B 71 -12.55 19.84 -11.18
C VAL B 71 -12.06 19.46 -12.57
N ALA B 72 -11.16 18.47 -12.64
CA ALA B 72 -10.97 17.70 -13.89
C ALA B 72 -10.18 18.60 -14.81
N ALA B 73 -9.87 18.26 -16.07
CA ALA B 73 -10.32 17.10 -16.84
C ALA B 73 -9.88 15.75 -16.29
N LEU B 74 -10.72 14.73 -16.46
CA LEU B 74 -10.30 13.40 -16.03
C LEU B 74 -9.22 12.88 -16.97
N ASN B 75 -8.32 12.08 -16.43
CA ASN B 75 -7.21 11.53 -17.20
C ASN B 75 -7.68 10.31 -17.98
N VAL B 76 -8.37 10.55 -19.08
CA VAL B 76 -8.92 9.47 -19.91
C VAL B 76 -7.84 8.51 -20.44
N GLU B 77 -6.64 9.01 -20.69
CA GLU B 77 -5.59 8.11 -21.19
C GLU B 77 -5.03 7.15 -20.14
N LEU B 78 -4.94 7.61 -18.90
CA LEU B 78 -4.58 6.71 -17.81
C LEU B 78 -5.71 5.73 -17.52
N LEU B 79 -6.94 6.22 -17.51
CA LEU B 79 -8.10 5.35 -17.34
C LEU B 79 -8.06 4.23 -18.36
N LYS B 80 -7.83 4.56 -19.63
CA LYS B 80 -7.79 3.53 -20.67
C LYS B 80 -6.62 2.55 -20.51
N LYS B 81 -5.48 3.04 -20.02
CA LYS B 81 -4.33 2.17 -19.82
C LYS B 81 -4.56 1.13 -18.71
N LEU B 82 -5.38 1.49 -17.71
CA LEU B 82 -5.65 0.57 -16.58
C LEU B 82 -6.76 -0.44 -16.88
N SER B 83 -7.49 -0.21 -17.98
CA SER B 83 -8.51 -1.15 -18.46
C SER B 83 -9.55 -1.52 -17.40
N PRO B 84 -10.13 -0.53 -16.71
CA PRO B 84 -11.15 -0.94 -15.75
C PRO B 84 -12.45 -1.34 -16.44
N ASP B 85 -13.21 -2.22 -15.80
CA ASP B 85 -14.58 -2.50 -16.22
C ASP B 85 -15.51 -1.41 -15.73
N LEU B 86 -15.12 -0.77 -14.63
CA LEU B 86 -15.98 0.20 -13.97
C LEU B 86 -15.15 1.24 -13.24
N VAL B 87 -15.55 2.50 -13.38
CA VAL B 87 -14.97 3.60 -12.61
C VAL B 87 -16.05 4.18 -11.72
N VAL B 88 -15.81 4.16 -10.41
CA VAL B 88 -16.72 4.79 -9.46
C VAL B 88 -16.16 6.18 -9.22
N THR B 89 -16.97 7.21 -9.47
CA THR B 89 -16.44 8.59 -9.39
C THR B 89 -17.36 9.54 -8.63
N PHE B 90 -16.74 10.49 -7.93
CA PHE B 90 -17.43 11.62 -7.32
C PHE B 90 -17.62 12.68 -8.41
N VAL B 91 -18.86 13.14 -8.56
CA VAL B 91 -19.16 14.15 -9.57
C VAL B 91 -19.03 15.58 -9.00
N GLY B 92 -17.85 16.15 -9.15
CA GLY B 92 -17.63 17.56 -8.85
C GLY B 92 -17.68 18.40 -10.13
N ASN B 93 -17.63 17.73 -11.28
CA ASN B 93 -17.76 18.40 -12.57
C ASN B 93 -18.55 17.55 -13.55
N PRO B 94 -19.89 17.73 -13.58
CA PRO B 94 -20.78 16.91 -14.41
C PRO B 94 -20.35 16.83 -15.87
N LYS B 95 -20.01 17.96 -16.47
CA LYS B 95 -19.67 18.00 -17.88
C LYS B 95 -18.38 17.24 -18.15
N ALA B 96 -17.44 17.32 -17.22
CA ALA B 96 -16.16 16.62 -17.38
C ALA B 96 -16.30 15.11 -17.21
N VAL B 97 -17.21 14.67 -16.34
CA VAL B 97 -17.50 13.24 -16.23
C VAL B 97 -18.20 12.75 -17.50
N GLU B 98 -19.17 13.52 -17.99
CA GLU B 98 -19.84 13.18 -19.24
C GLU B 98 -18.86 13.08 -20.39
N HIS B 99 -17.91 14.02 -20.45
CA HIS B 99 -16.90 14.00 -21.50
C HIS B 99 -16.10 12.71 -21.41
N ALA B 100 -15.67 12.40 -20.19
CA ALA B 100 -14.93 11.17 -19.91
C ALA B 100 -15.71 9.92 -20.28
N LYS B 101 -17.02 9.95 -20.06
CA LYS B 101 -17.85 8.77 -20.29
C LYS B 101 -17.99 8.45 -21.78
N LYS B 102 -17.42 9.32 -22.62
CA LYS B 102 -17.46 9.15 -24.07
C LYS B 102 -16.20 8.44 -24.59
N PHE B 103 -15.66 7.50 -23.82
CA PHE B 103 -14.43 6.83 -24.24
C PHE B 103 -14.40 5.33 -23.99
N GLY B 104 -15.56 4.73 -23.76
CA GLY B 104 -15.68 3.28 -23.76
C GLY B 104 -15.69 2.52 -22.45
N ILE B 105 -15.45 3.21 -21.33
CA ILE B 105 -15.49 2.52 -20.03
C ILE B 105 -16.68 2.99 -19.18
N SER B 106 -17.31 2.03 -18.51
CA SER B 106 -18.46 2.29 -17.66
C SER B 106 -18.12 3.13 -16.42
N PHE B 107 -18.95 4.13 -16.15
CA PHE B 107 -18.82 4.91 -14.92
C PHE B 107 -20.04 4.69 -14.05
N LEU B 108 -19.80 4.59 -12.75
CA LEU B 108 -20.86 4.68 -11.74
C LEU B 108 -20.58 5.98 -11.01
N SER B 109 -21.46 6.97 -11.19
CA SER B 109 -21.17 8.32 -10.78
C SER B 109 -22.07 8.77 -9.64
N PHE B 110 -21.46 9.29 -8.58
CA PHE B 110 -22.23 9.75 -7.41
C PHE B 110 -21.84 11.15 -6.99
N GLN B 111 -22.78 11.82 -6.31
CA GLN B 111 -22.47 13.07 -5.61
C GLN B 111 -23.21 13.02 -4.28
N GLU B 112 -22.70 12.20 -3.36
CA GLU B 112 -23.37 11.96 -2.10
C GLU B 112 -23.46 13.22 -1.24
N LYS B 113 -24.68 13.54 -0.76
CA LYS B 113 -24.89 14.79 -0.03
C LYS B 113 -25.27 14.58 1.43
N THR B 114 -25.68 13.36 1.77
CA THR B 114 -26.08 13.03 3.14
C THR B 114 -25.58 11.64 3.48
N ILE B 115 -25.51 11.30 4.78
CA ILE B 115 -25.07 9.97 5.16
C ILE B 115 -26.09 8.95 4.67
N ALA B 116 -27.37 9.31 4.69
CA ALA B 116 -28.39 8.44 4.11
C ALA B 116 -28.07 8.12 2.64
N GLU B 117 -27.65 9.13 1.88
CA GLU B 117 -27.31 8.92 0.47
C GLU B 117 -26.03 8.11 0.32
N VAL B 118 -25.07 8.32 1.22
CA VAL B 118 -23.86 7.50 1.23
C VAL B 118 -24.22 6.02 1.30
N MET B 119 -25.14 5.68 2.18
CA MET B 119 -25.53 4.28 2.34
C MET B 119 -26.27 3.75 1.12
N GLU B 120 -27.10 4.58 0.50
CA GLU B 120 -27.76 4.18 -0.74
C GLU B 120 -26.74 3.90 -1.86
N ASP B 121 -25.73 4.77 -1.96
CA ASP B 121 -24.70 4.62 -2.98
C ASP B 121 -23.81 3.42 -2.69
N ILE B 122 -23.58 3.10 -1.42
CA ILE B 122 -22.85 1.89 -1.07
C ILE B 122 -23.67 0.67 -1.50
N ASP B 123 -24.97 0.71 -1.28
CA ASP B 123 -25.80 -0.42 -1.67
C ASP B 123 -25.78 -0.60 -3.20
N THR B 124 -25.75 0.51 -3.92
CA THR B 124 -25.64 0.45 -5.36
C THR B 124 -24.32 -0.19 -5.80
N GLN B 125 -23.22 0.20 -5.17
CA GLN B 125 -21.93 -0.41 -5.44
C GLN B 125 -21.92 -1.90 -5.11
N ALA B 126 -22.61 -2.28 -4.04
CA ALA B 126 -22.67 -3.69 -3.66
C ALA B 126 -23.36 -4.53 -4.74
N LYS B 127 -24.33 -3.94 -5.43
CA LYS B 127 -24.96 -4.65 -6.53
C LYS B 127 -23.98 -4.91 -7.67
N ALA B 128 -23.15 -3.92 -7.98
CA ALA B 128 -22.17 -4.09 -9.05
C ALA B 128 -21.09 -5.10 -8.68
N LEU B 129 -20.73 -5.14 -7.40
CA LEU B 129 -19.67 -6.04 -6.96
C LEU B 129 -20.24 -7.38 -6.49
N GLU B 130 -21.56 -7.53 -6.55
CA GLU B 130 -22.21 -8.78 -6.16
C GLU B 130 -21.90 -9.20 -4.71
N VAL B 131 -21.91 -8.22 -3.82
CA VAL B 131 -21.71 -8.51 -2.40
C VAL B 131 -22.97 -8.18 -1.61
N ASP B 132 -23.16 -8.87 -0.49
CA ASP B 132 -24.27 -8.62 0.40
C ASP B 132 -23.81 -7.67 1.50
N ALA B 133 -24.31 -6.44 1.44
CA ALA B 133 -23.87 -5.39 2.33
C ALA B 133 -24.87 -5.10 3.44
N SER B 134 -25.96 -5.87 3.47
CA SER B 134 -27.09 -5.55 4.36
C SER B 134 -26.74 -5.44 5.86
N LYS B 135 -26.01 -6.42 6.41
CA LYS B 135 -25.63 -6.36 7.83
C LYS B 135 -24.76 -5.14 8.12
N LYS B 136 -23.91 -4.80 7.17
CA LYS B 136 -22.99 -3.69 7.36
C LYS B 136 -23.71 -2.35 7.27
N LEU B 137 -24.65 -2.22 6.34
CA LEU B 137 -25.42 -0.99 6.22
C LEU B 137 -26.31 -0.83 7.45
N ALA B 138 -26.77 -1.95 7.99
CA ALA B 138 -27.64 -1.90 9.17
C ALA B 138 -26.86 -1.40 10.37
N LYS B 139 -25.59 -1.78 10.45
CA LYS B 139 -24.74 -1.31 11.54
C LYS B 139 -24.53 0.20 11.42
N MET B 140 -24.30 0.70 10.20
CA MET B 140 -24.18 2.12 9.99
C MET B 140 -25.44 2.84 10.46
N GLN B 141 -26.60 2.32 10.07
CA GLN B 141 -27.85 2.94 10.47
C GLN B 141 -28.09 2.85 11.97
N GLU B 142 -27.75 1.71 12.57
CA GLU B 142 -27.89 1.55 14.03
C GLU B 142 -27.11 2.63 14.77
N THR B 143 -25.92 2.93 14.27
CA THR B 143 -25.06 3.94 14.88
C THR B 143 -25.64 5.33 14.73
N LEU B 144 -26.19 5.64 13.56
CA LEU B 144 -26.87 6.92 13.37
C LEU B 144 -28.04 7.06 14.32
N ASP B 145 -28.82 5.99 14.49
CA ASP B 145 -29.96 6.01 15.41
C ASP B 145 -29.52 6.26 16.83
N PHE B 146 -28.40 5.66 17.22
CA PHE B 146 -27.84 5.85 18.55
C PHE B 146 -27.39 7.28 18.80
N ILE B 147 -26.68 7.88 17.86
CA ILE B 147 -26.26 9.26 18.02
C ILE B 147 -27.49 10.15 18.18
N ALA B 148 -28.48 9.91 17.33
CA ALA B 148 -29.66 10.78 17.32
C ALA B 148 -30.40 10.69 18.64
N GLU B 149 -30.45 9.47 19.17
CA GLU B 149 -31.12 9.24 20.44
C GLU B 149 -30.42 9.98 21.57
N ARG B 150 -29.08 9.95 21.60
CA ARG B 150 -28.33 10.71 22.61
C ARG B 150 -28.51 12.22 22.47
N LEU B 151 -28.67 12.71 21.24
CA LEU B 151 -28.75 14.16 21.00
C LEU B 151 -30.17 14.71 21.07
N LYS B 152 -31.14 13.82 21.25
CA LYS B 152 -32.53 14.23 21.35
C LYS B 152 -32.70 15.24 22.49
N GLY B 153 -33.29 16.39 22.17
CA GLY B 153 -33.49 17.44 23.16
C GLY B 153 -32.28 18.26 23.56
N VAL B 154 -31.12 17.95 22.97
CA VAL B 154 -29.90 18.72 23.23
C VAL B 154 -29.80 19.88 22.25
N LYS B 155 -29.55 21.08 22.76
CA LYS B 155 -29.45 22.26 21.90
C LYS B 155 -28.19 22.16 21.06
N LYS B 156 -28.31 22.36 19.75
CA LYS B 156 -27.17 22.25 18.86
C LYS B 156 -26.19 23.37 19.16
N LYS B 157 -24.91 23.10 18.92
CA LYS B 157 -23.86 24.08 19.19
C LYS B 157 -23.52 24.77 17.89
N LYS B 158 -23.36 26.10 17.91
CA LYS B 158 -23.00 26.81 16.67
C LYS B 158 -21.56 26.51 16.26
N GLY B 159 -21.38 26.05 15.03
CA GLY B 159 -20.06 25.67 14.56
C GLY B 159 -19.93 25.77 13.06
N VAL B 160 -18.79 25.31 12.56
CA VAL B 160 -18.47 25.35 11.14
C VAL B 160 -17.27 24.46 10.94
N GLU B 161 -17.07 24.04 9.69
CA GLU B 161 -15.88 23.29 9.31
C GLU B 161 -15.06 24.09 8.32
N LEU B 162 -13.73 24.06 8.47
CA LEU B 162 -12.82 24.72 7.53
C LEU B 162 -12.17 23.69 6.62
N PHE B 163 -11.85 24.10 5.39
CA PHE B 163 -11.32 23.17 4.41
C PHE B 163 -9.86 23.46 4.03
N HIS B 164 -9.50 23.59 2.76
CA HIS B 164 -8.07 23.71 2.47
C HIS B 164 -7.49 25.04 2.94
N LYS B 165 -8.35 26.05 3.08
CA LYS B 165 -7.96 27.30 3.70
C LYS B 165 -8.98 27.71 4.76
N ALA B 166 -8.61 28.69 5.58
CA ALA B 166 -9.32 28.98 6.83
C ALA B 166 -10.62 29.76 6.66
N ASN B 167 -10.92 30.18 5.43
CA ASN B 167 -12.19 30.80 5.14
C ASN B 167 -13.02 30.07 4.08
N LYS B 168 -12.71 28.79 3.84
CA LYS B 168 -13.55 27.96 2.99
C LYS B 168 -14.36 27.02 3.89
N ILE B 169 -15.69 27.10 3.77
CA ILE B 169 -16.56 26.36 4.67
C ILE B 169 -17.59 25.56 3.88
N SER B 170 -18.47 24.81 4.55
CA SER B 170 -19.48 24.01 3.84
C SER B 170 -20.92 24.49 4.07
N GLY B 171 -21.75 24.36 3.05
CA GLY B 171 -23.15 24.75 3.16
C GLY B 171 -24.16 23.71 2.71
N HIS B 172 -25.16 24.14 1.96
CA HIS B 172 -26.17 23.22 1.46
C HIS B 172 -25.58 22.23 0.47
N GLN B 173 -26.15 21.03 0.41
CA GLN B 173 -25.74 20.04 -0.59
C GLN B 173 -24.27 19.70 -0.45
N ALA B 174 -23.85 19.49 0.78
CA ALA B 174 -22.48 19.12 1.07
C ALA B 174 -22.53 18.02 2.12
N LEU B 175 -21.92 16.87 1.81
CA LEU B 175 -21.93 15.78 2.77
C LEU B 175 -21.31 16.22 4.10
N ASP B 176 -20.33 17.12 4.07
CA ASP B 176 -19.71 17.59 5.33
C ASP B 176 -20.77 18.20 6.23
N SER B 177 -21.69 18.93 5.61
CA SER B 177 -22.74 19.61 6.36
C SER B 177 -23.71 18.64 7.01
N ASP B 178 -24.08 17.57 6.31
CA ASP B 178 -24.94 16.56 6.93
C ASP B 178 -24.23 15.87 8.10
N ILE B 179 -22.95 15.59 7.92
CA ILE B 179 -22.17 14.97 8.98
C ILE B 179 -22.13 15.88 10.19
N LEU B 180 -21.94 17.18 9.96
CA LEU B 180 -21.98 18.15 11.06
C LEU B 180 -23.33 18.18 11.76
N GLU B 181 -24.40 18.20 10.98
CA GLU B 181 -25.75 18.26 11.51
C GLU B 181 -26.05 17.03 12.37
N LYS B 182 -25.63 15.84 11.90
CA LYS B 182 -25.89 14.62 12.66
C LYS B 182 -25.00 14.52 13.89
N GLY B 183 -23.94 15.33 13.92
CA GLY B 183 -23.07 15.44 15.08
C GLY B 183 -23.52 16.50 16.07
N GLY B 184 -24.67 17.11 15.83
CA GLY B 184 -25.20 18.08 16.79
C GLY B 184 -24.71 19.51 16.62
N ILE B 185 -24.22 19.83 15.43
CA ILE B 185 -23.70 21.16 15.14
C ILE B 185 -24.69 21.96 14.33
N ASP B 186 -24.95 23.20 14.75
CA ASP B 186 -25.64 24.16 13.92
C ASP B 186 -24.60 24.85 13.06
N ASN B 187 -24.46 24.38 11.82
CA ASN B 187 -23.41 24.84 10.92
C ASN B 187 -23.80 26.16 10.26
N PHE B 188 -23.15 27.26 10.67
CA PHE B 188 -23.55 28.57 10.13
C PHE B 188 -23.26 28.69 8.64
N GLY B 189 -22.43 27.78 8.12
CA GLY B 189 -22.19 27.74 6.69
C GLY B 189 -23.46 27.59 5.86
N LEU B 190 -24.52 27.03 6.44
CA LEU B 190 -25.79 26.91 5.73
C LEU B 190 -26.36 28.27 5.33
N LYS B 191 -26.02 29.30 6.11
CA LYS B 191 -26.54 30.64 5.86
C LYS B 191 -25.82 31.36 4.73
N TYR B 192 -24.65 30.86 4.34
CA TYR B 192 -23.80 31.61 3.40
C TYR B 192 -23.45 30.88 2.12
N VAL B 193 -23.46 29.56 2.16
CA VAL B 193 -22.98 28.74 1.05
C VAL B 193 -24.12 27.91 0.48
N LYS B 194 -24.46 28.16 -0.79
CA LYS B 194 -25.65 27.55 -1.37
C LYS B 194 -25.41 26.14 -1.91
N PHE B 195 -24.14 25.79 -2.13
CA PHE B 195 -23.83 24.45 -2.64
C PHE B 195 -22.41 24.08 -2.30
N GLY B 196 -22.22 22.86 -1.80
CA GLY B 196 -20.90 22.33 -1.56
C GLY B 196 -20.08 23.11 -0.56
N ARG B 197 -18.84 23.42 -0.94
CA ARG B 197 -17.92 24.18 -0.11
C ARG B 197 -17.54 25.45 -0.84
N ALA B 198 -17.46 26.55 -0.11
CA ALA B 198 -17.10 27.81 -0.75
C ALA B 198 -16.55 28.79 0.25
N ASP B 199 -15.94 29.87 -0.24
CA ASP B 199 -15.34 30.88 0.61
C ASP B 199 -16.34 31.84 1.25
N ILE B 200 -15.93 32.41 2.37
CA ILE B 200 -16.69 33.44 3.07
C ILE B 200 -15.64 34.42 3.62
N SER B 201 -16.02 35.67 3.83
CA SER B 201 -15.06 36.62 4.39
C SER B 201 -14.80 36.30 5.86
N VAL B 202 -13.54 36.49 6.27
CA VAL B 202 -13.19 36.27 7.67
C VAL B 202 -14.06 37.11 8.61
N GLU B 203 -14.41 38.33 8.19
CA GLU B 203 -15.21 39.19 9.07
C GLU B 203 -16.56 38.56 9.39
N LYS B 204 -17.13 37.79 8.46
CA LYS B 204 -18.39 37.09 8.73
C LYS B 204 -18.22 35.91 9.69
N ILE B 205 -17.10 35.22 9.59
CA ILE B 205 -16.78 34.13 10.52
C ILE B 205 -16.66 34.69 11.92
N VAL B 206 -15.96 35.83 12.03
CA VAL B 206 -15.80 36.48 13.32
C VAL B 206 -17.13 36.93 13.92
N LYS B 207 -18.00 37.50 13.08
CA LYS B 207 -19.32 37.92 13.54
C LYS B 207 -20.20 36.76 13.98
N GLU B 208 -20.16 35.67 13.22
CA GLU B 208 -20.92 34.47 13.57
C GLU B 208 -20.42 33.87 14.89
N ASN B 209 -19.12 34.00 15.14
CA ASN B 209 -18.54 33.62 16.43
C ASN B 209 -18.84 32.19 16.85
N PRO B 210 -18.42 31.21 16.03
CA PRO B 210 -18.74 29.82 16.36
C PRO B 210 -18.17 29.35 17.70
N GLU B 211 -18.90 28.47 18.39
CA GLU B 211 -18.45 27.90 19.66
C GLU B 211 -17.43 26.80 19.44
N ILE B 212 -17.48 26.19 18.25
CA ILE B 212 -16.62 25.07 17.93
C ILE B 212 -16.28 25.12 16.46
N ILE B 213 -15.07 24.71 16.10
CA ILE B 213 -14.65 24.68 14.71
C ILE B 213 -14.02 23.34 14.43
N PHE B 214 -14.42 22.73 13.32
CA PHE B 214 -13.80 21.49 12.85
C PHE B 214 -12.99 21.73 11.60
N ILE B 215 -11.98 20.89 11.38
CA ILE B 215 -11.10 21.02 10.21
C ILE B 215 -11.15 19.73 9.40
N TRP B 216 -11.45 19.84 8.11
CA TRP B 216 -11.44 18.73 7.16
C TRP B 216 -10.17 17.90 7.26
N TRP B 217 -10.28 16.58 7.29
CA TRP B 217 -9.09 15.74 7.54
C TRP B 217 -8.00 15.87 6.48
N ILE B 218 -8.38 16.29 5.28
CA ILE B 218 -7.44 16.43 4.17
C ILE B 218 -6.81 17.84 4.13
N SER B 219 -7.34 18.77 4.93
CA SER B 219 -6.81 20.15 4.94
C SER B 219 -5.37 20.18 5.43
N PRO B 220 -4.57 21.10 4.87
CA PRO B 220 -3.21 21.33 5.38
C PRO B 220 -3.22 22.05 6.73
N LEU B 221 -4.37 22.60 7.11
CA LEU B 221 -4.47 23.30 8.39
C LEU B 221 -4.41 22.36 9.59
N SER B 222 -3.62 22.75 10.58
CA SER B 222 -3.63 22.12 11.89
C SER B 222 -4.54 22.93 12.80
N PRO B 223 -4.97 22.36 13.94
CA PRO B 223 -5.72 23.19 14.88
C PRO B 223 -4.92 24.41 15.33
N GLU B 224 -3.60 24.25 15.39
CA GLU B 224 -2.73 25.35 15.78
C GLU B 224 -2.70 26.48 14.76
N ASP B 225 -2.79 26.15 13.48
CA ASP B 225 -2.87 27.15 12.42
C ASP B 225 -4.11 28.03 12.60
N VAL B 226 -5.17 27.45 13.14
CA VAL B 226 -6.43 28.17 13.33
C VAL B 226 -6.41 28.95 14.66
N LEU B 227 -6.04 28.24 15.72
CA LEU B 227 -5.95 28.82 17.07
C LEU B 227 -5.03 30.05 17.16
N ASN B 228 -3.94 30.01 16.41
CA ASN B 228 -2.96 31.09 16.44
C ASN B 228 -3.13 32.13 15.33
N ASN B 229 -4.18 32.01 14.54
CA ASN B 229 -4.45 33.01 13.51
C ASN B 229 -4.96 34.29 14.15
N PRO B 230 -4.20 35.39 14.02
CA PRO B 230 -4.59 36.64 14.66
C PRO B 230 -5.99 37.11 14.24
N LYS B 231 -6.42 36.77 13.03
CA LYS B 231 -7.75 37.15 12.57
C LYS B 231 -8.88 36.52 13.38
N PHE B 232 -8.59 35.43 14.10
CA PHE B 232 -9.60 34.63 14.77
C PHE B 232 -9.53 34.81 16.30
N ALA B 233 -8.72 35.75 16.76
CA ALA B 233 -8.43 35.85 18.19
C ALA B 233 -9.65 36.15 19.06
N THR B 234 -10.69 36.74 18.49
CA THR B 234 -11.87 37.07 19.29
C THR B 234 -12.98 36.02 19.25
N ILE B 235 -12.74 34.91 18.56
CA ILE B 235 -13.78 33.90 18.39
C ILE B 235 -13.82 32.92 19.55
N LYS B 236 -15.03 32.60 20.03
CA LYS B 236 -15.23 31.69 21.15
C LYS B 236 -14.48 30.37 20.99
N ALA B 237 -14.59 29.74 19.82
CA ALA B 237 -13.93 28.47 19.59
C ALA B 237 -12.42 28.58 19.81
N ILE B 238 -11.83 29.72 19.43
CA ILE B 238 -10.40 29.91 19.61
C ILE B 238 -10.12 30.14 21.10
N LYS B 239 -10.88 31.05 21.71
CA LYS B 239 -10.68 31.40 23.11
C LYS B 239 -10.83 30.19 24.05
N ASN B 240 -11.76 29.32 23.71
CA ASN B 240 -12.06 28.16 24.56
C ASN B 240 -11.38 26.87 24.09
N LYS B 241 -10.51 27.00 23.09
CA LYS B 241 -9.75 25.88 22.55
C LYS B 241 -10.65 24.74 22.07
N GLN B 242 -11.70 25.11 21.34
CA GLN B 242 -12.60 24.14 20.75
C GLN B 242 -12.40 24.10 19.24
N VAL B 243 -11.16 23.82 18.84
CA VAL B 243 -10.85 23.60 17.43
C VAL B 243 -10.27 22.20 17.24
N TYR B 244 -10.95 21.39 16.42
CA TYR B 244 -10.57 19.99 16.28
C TYR B 244 -10.40 19.57 14.84
N LYS B 245 -9.34 18.85 14.57
CA LYS B 245 -9.17 18.22 13.26
C LYS B 245 -9.94 16.90 13.25
N LEU B 246 -10.75 16.70 12.21
CA LEU B 246 -11.54 15.48 12.09
C LEU B 246 -10.62 14.30 11.81
N PRO B 247 -11.04 13.10 12.20
CA PRO B 247 -10.17 11.90 12.07
C PRO B 247 -9.92 11.50 10.62
N THR B 248 -8.97 10.59 10.42
CA THR B 248 -8.56 10.19 9.07
C THR B 248 -9.56 9.25 8.40
N MET B 249 -10.80 9.72 8.27
CA MET B 249 -11.91 8.92 7.77
C MET B 249 -12.52 9.57 6.54
N ASP B 250 -12.57 8.85 5.43
CA ASP B 250 -13.19 9.33 4.20
C ASP B 250 -14.67 9.60 4.46
N ILE B 251 -15.14 10.79 4.11
CA ILE B 251 -16.52 11.17 4.42
C ILE B 251 -17.55 10.35 3.61
N GLY B 252 -17.27 10.13 2.34
CA GLY B 252 -18.16 9.36 1.49
C GLY B 252 -17.85 7.88 1.59
N GLY B 253 -18.29 7.26 2.68
CA GLY B 253 -17.91 5.89 2.92
C GLY B 253 -18.48 5.32 4.19
N PRO B 254 -18.12 4.07 4.49
CA PRO B 254 -18.67 3.31 5.62
C PRO B 254 -18.39 3.89 7.00
N ARG B 255 -17.50 4.87 7.11
CA ARG B 255 -17.22 5.43 8.43
C ARG B 255 -17.86 6.80 8.67
N ALA B 256 -18.69 7.27 7.74
CA ALA B 256 -19.36 8.56 7.96
C ALA B 256 -20.08 8.68 9.32
N PRO B 257 -20.79 7.62 9.76
CA PRO B 257 -21.43 7.73 11.08
C PRO B 257 -20.47 7.92 12.23
N LEU B 258 -19.26 7.37 12.11
CA LEU B 258 -18.24 7.57 13.14
C LEU B 258 -17.72 9.00 13.17
N ILE B 259 -17.70 9.67 12.03
CA ILE B 259 -17.30 11.07 12.01
C ILE B 259 -18.34 11.90 12.76
N SER B 260 -19.62 11.60 12.54
CA SER B 260 -20.68 12.29 13.27
C SER B 260 -20.61 12.01 14.76
N LEU B 261 -20.27 10.76 15.12
CA LEU B 261 -20.07 10.44 16.53
C LEU B 261 -18.89 11.22 17.12
N PHE B 262 -17.79 11.32 16.38
CA PHE B 262 -16.61 12.06 16.81
C PHE B 262 -16.98 13.51 17.11
N ILE B 263 -17.72 14.11 16.18
CA ILE B 263 -18.18 15.48 16.30
C ILE B 263 -19.13 15.64 17.48
N ALA B 264 -20.07 14.70 17.63
CA ALA B 264 -21.03 14.75 18.75
C ALA B 264 -20.34 14.67 20.10
N LEU B 265 -19.34 13.81 20.19
CA LEU B 265 -18.60 13.64 21.44
C LEU B 265 -17.78 14.88 21.80
N LYS B 266 -17.24 15.59 20.80
CA LYS B 266 -16.52 16.84 21.04
C LYS B 266 -17.45 17.97 21.45
N ALA B 267 -18.58 18.05 20.76
CA ALA B 267 -19.49 19.18 20.94
C ALA B 267 -20.37 19.02 22.17
N HIS B 268 -20.74 17.79 22.47
CA HIS B 268 -21.73 17.51 23.51
C HIS B 268 -21.29 16.36 24.42
N PRO B 269 -20.13 16.50 25.08
CA PRO B 269 -19.62 15.38 25.89
C PRO B 269 -20.60 14.93 26.96
N GLU B 270 -21.40 15.84 27.50
CA GLU B 270 -22.37 15.46 28.54
C GLU B 270 -23.47 14.51 28.05
N ALA B 271 -23.79 14.57 26.76
CA ALA B 271 -24.82 13.70 26.20
C ALA B 271 -24.39 12.24 26.10
N PHE B 272 -23.09 11.97 26.32
CA PHE B 272 -22.55 10.62 26.17
C PHE B 272 -22.00 10.05 27.47
N LYS B 273 -22.64 10.41 28.58
CA LYS B 273 -22.11 10.11 29.92
C LYS B 273 -22.11 8.63 30.30
N GLY B 274 -23.26 7.98 30.23
CA GLY B 274 -23.33 6.58 30.60
C GLY B 274 -23.17 5.67 29.40
N VAL B 275 -22.35 6.12 28.45
CA VAL B 275 -22.13 5.41 27.21
C VAL B 275 -20.71 4.85 27.16
N ASP B 276 -20.59 3.58 26.85
CA ASP B 276 -19.28 2.97 26.64
C ASP B 276 -18.91 3.18 25.17
N ILE B 277 -18.27 4.31 24.88
CA ILE B 277 -17.95 4.68 23.50
C ILE B 277 -17.07 3.64 22.81
N ASN B 278 -16.02 3.18 23.49
CA ASN B 278 -15.14 2.21 22.86
C ASN B 278 -15.77 0.84 22.59
N ALA B 279 -16.80 0.46 23.34
CA ALA B 279 -17.53 -0.76 23.01
C ALA B 279 -18.25 -0.58 21.66
N ILE B 280 -18.83 0.60 21.50
CA ILE B 280 -19.56 0.93 20.28
C ILE B 280 -18.60 1.02 19.08
N VAL B 281 -17.46 1.68 19.30
CA VAL B 281 -16.48 1.80 18.22
C VAL B 281 -15.92 0.42 17.86
N LYS B 282 -15.64 -0.39 18.89
CA LYS B 282 -15.14 -1.75 18.66
C LYS B 282 -16.07 -2.57 17.80
N ASP B 283 -17.35 -2.61 18.16
CA ASP B 283 -18.30 -3.44 17.42
C ASP B 283 -18.56 -2.86 16.03
N TYR B 284 -18.37 -1.56 15.88
CA TYR B 284 -18.55 -0.94 14.57
C TYR B 284 -17.51 -1.48 13.61
N TYR B 285 -16.27 -1.48 14.04
CA TYR B 285 -15.19 -1.95 13.17
C TYR B 285 -15.29 -3.44 12.93
N LYS B 286 -15.67 -4.21 13.95
CA LYS B 286 -15.80 -5.65 13.77
C LYS B 286 -16.88 -5.98 12.74
N VAL B 287 -18.02 -5.31 12.83
CA VAL B 287 -19.12 -5.65 11.92
C VAL B 287 -18.89 -5.09 10.51
N VAL B 288 -18.52 -3.82 10.43
CA VAL B 288 -18.40 -3.15 9.15
C VAL B 288 -17.15 -3.60 8.38
N PHE B 289 -16.06 -3.88 9.08
CA PHE B 289 -14.81 -4.26 8.40
C PHE B 289 -14.30 -5.66 8.70
N ASP B 290 -15.04 -6.41 9.52
CA ASP B 290 -14.66 -7.78 9.90
C ASP B 290 -13.27 -7.85 10.55
N LEU B 291 -12.90 -6.80 11.26
CA LEU B 291 -11.65 -6.79 12.03
C LEU B 291 -11.72 -7.68 13.27
N ASN B 292 -10.61 -8.31 13.63
CA ASN B 292 -10.54 -9.05 14.89
C ASN B 292 -10.12 -8.13 16.03
N ASP B 293 -10.07 -8.65 17.25
CA ASP B 293 -9.82 -7.79 18.40
C ASP B 293 -8.48 -7.06 18.32
N ALA B 294 -7.44 -7.74 17.83
CA ALA B 294 -6.12 -7.12 17.77
C ALA B 294 -6.08 -6.05 16.69
N GLU B 295 -6.77 -6.32 15.57
CA GLU B 295 -6.85 -5.38 14.47
C GLU B 295 -7.65 -4.11 14.83
N VAL B 296 -8.63 -4.26 15.72
CA VAL B 296 -9.47 -3.13 16.13
C VAL B 296 -8.72 -2.14 17.01
N GLU B 297 -7.74 -2.64 17.77
CA GLU B 297 -7.06 -1.80 18.78
C GLU B 297 -6.61 -0.39 18.35
N PRO B 298 -5.87 -0.26 17.23
CA PRO B 298 -5.44 1.11 16.92
C PRO B 298 -6.58 2.01 16.45
N PHE B 299 -7.78 1.46 16.31
CA PHE B 299 -8.92 2.26 15.87
C PHE B 299 -9.78 2.71 17.05
N LEU B 300 -9.47 2.23 18.25
CA LEU B 300 -10.24 2.65 19.42
C LEU B 300 -9.90 4.10 19.78
N TRP B 301 -10.82 4.78 20.44
CA TRP B 301 -10.66 6.20 20.68
C TRP B 301 -9.90 6.53 21.96
N LYS B 302 -8.90 7.40 21.82
CA LYS B 302 -7.94 7.74 22.87
C LYS B 302 -7.11 6.54 23.28
N HIS C . 15.74 -14.28 2.10
CA HIS C . 16.76 -14.36 1.05
C HIS C . 16.50 -15.51 0.11
O HIS C . 16.93 -15.50 -1.05
CB HIS C . 18.17 -14.49 1.65
CG HIS C . 18.43 -15.82 2.30
ND1 HIS C . 17.43 -16.63 2.77
CD2 HIS C . 19.60 -16.47 2.54
CE1 HIS C . 17.97 -17.73 3.29
NE2 HIS C . 19.28 -17.66 3.16
OXT HIS C . 15.83 -16.47 0.50
N HIS D . 13.25 -16.28 2.10
CA HIS D . 12.74 -17.58 2.56
C HIS D . 13.81 -18.65 2.62
O HIS D . 15.02 -18.35 2.64
CB HIS D . 11.58 -18.09 1.70
CG HIS D . 10.27 -17.45 2.02
ND1 HIS D . 9.69 -17.52 3.27
CD2 HIS D . 9.42 -16.72 1.25
CE1 HIS D . 8.54 -16.87 3.26
NE2 HIS D . 8.36 -16.37 2.05
OXT HIS D . 13.50 -19.85 2.65
NI NI E . 15.37 -16.30 2.58
N HIS F . -14.32 13.95 -1.94
CA HIS F . -13.64 13.67 -0.69
C HIS F . -13.66 14.88 0.24
O HIS F . -13.55 14.76 1.45
CB HIS F . -12.20 13.20 -0.95
CG HIS F . -11.30 14.27 -1.45
ND1 HIS F . -11.77 15.43 -2.06
CD2 HIS F . -9.95 14.39 -1.43
CE1 HIS F . -10.75 16.19 -2.40
NE2 HIS F . -9.63 15.59 -2.01
OXT HIS F . -13.77 16.02 -0.21
N HIS G . -15.78 16.85 -2.35
CA HIS G . -15.59 18.23 -2.84
C HIS G . -14.18 18.72 -2.61
O HIS G . -13.26 17.92 -2.42
CB HIS G . -16.62 19.20 -2.23
CG HIS G . -17.97 19.11 -2.87
ND1 HIS G . -18.18 19.37 -4.21
CD2 HIS G . -19.18 18.78 -2.35
CE1 HIS G . -19.47 19.21 -4.47
NE2 HIS G . -20.09 18.85 -3.38
OXT HIS G . -13.92 19.92 -2.62
NI NI H . -13.77 15.97 -2.38
#